data_3C4J
#
_entry.id   3C4J
#
_cell.length_a   49.155
_cell.length_b   83.437
_cell.length_c   69.569
_cell.angle_alpha   90.000
_cell.angle_beta   107.500
_cell.angle_gamma   90.000
#
_symmetry.space_group_name_H-M   'P 1 21 1'
#
loop_
_entity.id
_entity.type
_entity.pdbx_description
1 polymer 'Amino acid ABC transporter (ArtP)'
2 non-polymer 'MAGNESIUM ION'
3 non-polymer 'PHOSPHOTHIOPHOSPHORIC ACID-ADENYLATE ESTER'
4 water water
#
_entity_poly.entity_id   1
_entity_poly.type   'polypeptide(L)'
_entity_poly.pdbx_seq_one_letter_code
;MGSSHHHHHHSSGLVPRGSHMLQMIDVHQLKKSFGSLEVLKGINVHIREGEVVVVIGPSGSGKSTFLRCLNLLEDFDEGE
IIIDGINLKAKDTNLNKVREEVGMVFQRFNLFPHMTVLNNITLAPMKVRKWPREKAEAKAMELLDKVGLKDKAHAYPDSL
SGGQAQRVAIARALAMEPKIMLFDEPTSALDPEMVGEVLSVMKQLANEGMTMVVVTHEMGFAREVGDRVLFMDGGYIIEE
GKPEDLFDRPQHERTKAFLSKVF
;
_entity_poly.pdbx_strand_id   A,B
#
# COMPACT_ATOMS: atom_id res chain seq x y z
N LEU A 22 13.62 27.71 18.22
CA LEU A 22 12.79 27.33 17.01
C LEU A 22 13.10 25.85 16.70
N GLN A 23 12.93 25.02 17.72
CA GLN A 23 13.67 23.75 17.82
C GLN A 23 13.43 22.65 16.77
N MET A 24 12.30 21.95 16.84
CA MET A 24 12.16 20.69 16.09
C MET A 24 12.09 20.80 14.57
N ILE A 25 11.07 21.49 14.07
CA ILE A 25 10.95 21.76 12.64
C ILE A 25 10.99 23.26 12.42
N ASP A 26 11.77 23.68 11.43
CA ASP A 26 11.98 25.08 11.14
C ASP A 26 11.94 25.35 9.64
N VAL A 27 10.94 26.11 9.21
CA VAL A 27 10.72 26.34 7.78
C VAL A 27 10.65 27.84 7.50
N HIS A 28 11.48 28.31 6.57
CA HIS A 28 11.48 29.71 6.18
C HIS A 28 11.28 29.91 4.68
N GLN A 29 10.24 30.67 4.36
CA GLN A 29 9.86 31.02 2.98
C GLN A 29 10.03 29.85 2.00
N LEU A 30 9.48 28.70 2.39
CA LEU A 30 9.50 27.49 1.59
C LEU A 30 8.70 27.65 0.31
N LYS A 31 9.36 27.43 -0.83
CA LYS A 31 8.69 27.49 -2.13
C LYS A 31 8.98 26.26 -2.96
N LYS A 32 7.94 25.76 -3.62
CA LYS A 32 8.01 24.59 -4.47
C LYS A 32 7.10 24.78 -5.68
N SER A 33 7.64 24.45 -6.86
CA SER A 33 6.87 24.50 -8.09
C SER A 33 6.99 23.20 -8.86
N PHE A 34 5.93 22.87 -9.59
CA PHE A 34 5.98 21.78 -10.56
C PHE A 34 5.74 22.38 -11.94
N GLY A 35 6.82 22.81 -12.58
CA GLY A 35 6.73 23.52 -13.86
C GLY A 35 6.46 25.00 -13.64
N SER A 36 5.37 25.50 -14.22
CA SER A 36 4.91 26.87 -13.97
C SER A 36 3.87 26.90 -12.85
N LEU A 37 3.68 25.76 -12.19
CA LEU A 37 2.69 25.65 -11.12
C LEU A 37 3.36 25.84 -9.77
N GLU A 38 3.19 27.03 -9.20
CA GLU A 38 3.73 27.29 -7.86
C GLU A 38 2.78 26.68 -6.84
N VAL A 39 3.27 25.67 -6.14
CA VAL A 39 2.45 24.83 -5.27
C VAL A 39 2.58 25.28 -3.81
N LEU A 40 3.79 25.61 -3.41
CA LEU A 40 4.03 26.26 -2.14
C LEU A 40 4.60 27.62 -2.47
N LYS A 41 4.09 28.66 -1.81
CA LYS A 41 4.37 30.03 -2.24
C LYS A 41 5.00 30.91 -1.18
N GLY A 42 5.57 30.29 -0.14
CA GLY A 42 6.19 31.01 0.95
C GLY A 42 5.67 30.53 2.28
N ILE A 43 5.99 29.28 2.61
CA ILE A 43 5.58 28.70 3.88
C ILE A 43 6.62 29.03 4.96
N ASN A 44 6.12 29.62 6.04
CA ASN A 44 6.90 29.85 7.24
C ASN A 44 6.19 29.21 8.40
N VAL A 45 6.86 28.23 9.02
CA VAL A 45 6.33 27.58 10.21
C VAL A 45 7.46 27.05 11.08
N HIS A 46 7.28 27.16 12.39
CA HIS A 46 8.29 26.77 13.35
C HIS A 46 7.64 25.94 14.44
N ILE A 47 7.90 24.64 14.39
CA ILE A 47 7.31 23.63 15.26
C ILE A 47 8.25 23.34 16.42
N ARG A 48 7.74 23.48 17.64
CA ARG A 48 8.53 23.14 18.83
C ARG A 48 8.55 21.63 19.05
N GLU A 49 9.53 21.17 19.81
CA GLU A 49 9.62 19.77 20.20
C GLU A 49 8.40 19.44 21.06
N GLY A 50 7.74 18.32 20.75
CA GLY A 50 6.54 17.91 21.47
C GLY A 50 5.28 18.64 21.06
N GLU A 51 5.39 19.52 20.08
CA GLU A 51 4.22 20.23 19.58
C GLU A 51 3.46 19.35 18.58
N VAL A 52 2.14 19.38 18.68
CA VAL A 52 1.25 18.67 17.76
C VAL A 52 0.55 19.71 16.87
N VAL A 53 0.95 19.76 15.61
CA VAL A 53 0.35 20.67 14.62
C VAL A 53 -0.59 19.96 13.65
N VAL A 54 -1.81 20.46 13.57
CA VAL A 54 -2.83 19.95 12.65
C VAL A 54 -2.91 20.90 11.45
N VAL A 55 -2.92 20.33 10.26
CA VAL A 55 -2.97 21.10 9.02
C VAL A 55 -4.30 20.80 8.33
N ILE A 56 -5.00 21.85 7.93
CA ILE A 56 -6.30 21.69 7.26
C ILE A 56 -6.28 22.56 6.01
N GLY A 57 -7.20 22.33 5.09
CA GLY A 57 -7.26 23.11 3.86
C GLY A 57 -7.78 22.34 2.67
N PRO A 58 -8.27 23.07 1.64
CA PRO A 58 -8.80 22.45 0.42
C PRO A 58 -7.78 21.60 -0.34
N SER A 59 -8.28 20.84 -1.31
CA SER A 59 -7.44 20.05 -2.20
C SER A 59 -6.58 20.95 -3.06
N GLY A 60 -5.34 20.53 -3.26
CA GLY A 60 -4.39 21.29 -4.05
C GLY A 60 -3.71 22.42 -3.29
N SER A 61 -3.76 22.37 -1.96
CA SER A 61 -3.20 23.42 -1.10
C SER A 61 -1.69 23.30 -0.89
N GLY A 62 -1.16 22.09 -1.15
CA GLY A 62 0.25 21.81 -0.99
C GLY A 62 0.54 21.17 0.36
N LYS A 63 -0.52 20.72 1.02
CA LYS A 63 -0.39 20.07 2.33
C LYS A 63 0.51 18.83 2.26
N SER A 64 0.29 17.99 1.25
CA SER A 64 1.08 16.77 1.03
C SER A 64 2.48 17.08 0.56
N THR A 65 2.60 18.04 -0.37
CA THR A 65 3.89 18.51 -0.86
C THR A 65 4.74 18.98 0.31
N PHE A 66 4.13 19.79 1.18
CA PHE A 66 4.76 20.26 2.40
C PHE A 66 5.30 19.12 3.26
N LEU A 67 4.45 18.15 3.57
CA LEU A 67 4.87 16.99 4.37
C LEU A 67 6.00 16.18 3.72
N ARG A 68 5.98 16.12 2.38
CA ARG A 68 7.04 15.46 1.61
C ARG A 68 8.38 16.16 1.76
N CYS A 69 8.33 17.49 1.79
CA CYS A 69 9.53 18.30 1.99
C CYS A 69 10.12 18.07 3.36
N LEU A 70 9.25 18.02 4.37
CA LEU A 70 9.66 17.66 5.73
C LEU A 70 10.30 16.28 5.82
N ASN A 71 9.80 15.34 5.00
CA ASN A 71 10.22 13.95 5.05
C ASN A 71 11.34 13.63 4.04
N LEU A 72 11.85 14.68 3.39
CA LEU A 72 12.97 14.59 2.45
C LEU A 72 12.67 13.78 1.20
N LEU A 73 11.39 13.73 0.83
CA LEU A 73 10.94 12.97 -0.33
C LEU A 73 10.83 13.87 -1.56
N GLU A 74 10.88 15.18 -1.33
CA GLU A 74 10.85 16.15 -2.42
C GLU A 74 11.86 17.26 -2.18
N ASP A 75 12.47 17.73 -3.26
CA ASP A 75 13.32 18.91 -3.20
C ASP A 75 12.45 20.15 -3.26
N PHE A 76 12.98 21.29 -2.84
CA PHE A 76 12.25 22.55 -2.88
C PHE A 76 13.03 23.63 -3.63
N ASP A 77 12.29 24.57 -4.21
CA ASP A 77 12.86 25.59 -5.09
C ASP A 77 13.53 26.73 -4.32
N GLU A 78 12.84 27.23 -3.30
CA GLU A 78 13.34 28.32 -2.47
C GLU A 78 13.09 28.07 -0.99
N GLY A 79 13.91 28.70 -0.15
CA GLY A 79 13.69 28.66 1.28
C GLY A 79 14.61 27.74 2.04
N GLU A 80 14.22 27.44 3.27
CA GLU A 80 15.07 26.74 4.22
C GLU A 80 14.21 25.77 5.03
N ILE A 81 14.73 24.55 5.23
CA ILE A 81 14.12 23.60 6.16
C ILE A 81 15.18 23.07 7.13
N ILE A 82 14.89 23.17 8.43
CA ILE A 82 15.80 22.72 9.48
C ILE A 82 15.08 21.74 10.40
N ILE A 83 15.43 20.46 10.30
CA ILE A 83 14.88 19.44 11.20
C ILE A 83 15.84 19.19 12.36
N ASP A 84 15.40 19.52 13.57
CA ASP A 84 16.18 19.36 14.79
C ASP A 84 17.60 19.92 14.63
N GLY A 85 17.68 21.18 14.26
CA GLY A 85 18.95 21.90 14.18
C GLY A 85 19.82 21.57 12.99
N ILE A 86 19.33 20.75 12.05
CA ILE A 86 20.11 20.46 10.86
C ILE A 86 19.45 20.85 9.53
N ASN A 87 20.20 21.62 8.74
CA ASN A 87 19.72 22.20 7.48
C ASN A 87 19.77 21.18 6.36
N LEU A 88 18.63 20.98 5.71
CA LEU A 88 18.51 19.95 4.68
C LEU A 88 19.28 20.27 3.40
N LYS A 89 19.81 21.49 3.32
CA LYS A 89 20.63 21.90 2.17
C LYS A 89 22.07 22.33 2.52
N ALA A 90 22.44 22.20 3.80
CA ALA A 90 23.81 22.40 4.24
C ALA A 90 24.72 21.34 3.63
N LYS A 91 26.00 21.70 3.44
CA LYS A 91 26.97 20.86 2.74
C LYS A 91 27.29 19.57 3.50
N ASP A 92 27.49 19.70 4.82
CA ASP A 92 27.92 18.58 5.67
C ASP A 92 26.77 17.71 6.17
N THR A 93 25.57 17.93 5.63
CA THR A 93 24.35 17.26 6.09
C THR A 93 24.26 15.81 5.62
N ASN A 94 24.11 14.90 6.59
CA ASN A 94 23.75 13.52 6.30
C ASN A 94 22.24 13.43 6.15
N LEU A 95 21.78 13.37 4.90
CA LEU A 95 20.35 13.37 4.60
C LEU A 95 19.64 12.11 5.11
N ASN A 96 20.31 10.95 4.98
CA ASN A 96 19.77 9.66 5.41
C ASN A 96 19.57 9.58 6.93
N LYS A 97 20.46 10.23 7.68
CA LYS A 97 20.40 10.26 9.13
C LYS A 97 19.22 11.12 9.61
N VAL A 98 18.80 12.08 8.78
CA VAL A 98 17.61 12.89 9.05
C VAL A 98 16.37 12.06 8.70
N ARG A 99 16.40 11.48 7.49
CA ARG A 99 15.35 10.58 7.03
C ARG A 99 14.91 9.58 8.08
N GLU A 100 15.86 9.01 8.82
CA GLU A 100 15.54 7.99 9.82
C GLU A 100 14.90 8.53 11.09
N GLU A 101 15.04 9.84 11.34
CA GLU A 101 14.45 10.46 12.53
C GLU A 101 13.06 11.04 12.28
N VAL A 102 12.67 11.11 11.00
CA VAL A 102 11.35 11.54 10.61
C VAL A 102 10.52 10.33 10.11
N GLY A 103 9.38 10.11 10.75
CA GLY A 103 8.45 9.05 10.35
C GLY A 103 7.28 9.65 9.59
N MET A 104 6.66 8.83 8.73
CA MET A 104 5.49 9.29 7.98
C MET A 104 4.44 8.21 7.72
N VAL A 105 3.19 8.56 7.99
CA VAL A 105 2.04 7.70 7.71
C VAL A 105 1.19 8.39 6.65
N PHE A 106 0.95 7.65 5.57
CA PHE A 106 0.19 8.17 4.44
C PHE A 106 -1.28 7.75 4.53
N GLN A 107 -2.10 8.28 3.62
CA GLN A 107 -3.52 7.94 3.51
C GLN A 107 -3.75 6.45 3.21
N ARG A 108 -3.00 5.93 2.24
CA ARG A 108 -3.04 4.52 1.86
C ARG A 108 -1.62 4.02 1.59
N PHE A 109 -1.52 2.75 1.19
CA PHE A 109 -0.28 2.10 0.71
C PHE A 109 0.84 2.01 1.75
N ASN A 110 0.49 2.02 3.04
CA ASN A 110 1.49 2.04 4.08
C ASN A 110 2.21 0.72 4.31
N LEU A 111 1.59 -0.37 3.88
CA LEU A 111 2.09 -1.71 4.19
C LEU A 111 2.60 -2.42 2.95
N PHE A 112 3.51 -3.38 3.17
CA PHE A 112 3.90 -4.34 2.14
C PHE A 112 2.92 -5.51 2.19
N PRO A 113 2.16 -5.72 1.11
CA PRO A 113 1.13 -6.77 1.10
C PRO A 113 1.72 -8.19 1.02
N HIS A 114 2.98 -8.28 0.60
CA HIS A 114 3.64 -9.55 0.31
C HIS A 114 4.36 -10.15 1.51
N MET A 115 4.30 -9.47 2.65
CA MET A 115 4.97 -9.96 3.86
C MET A 115 4.09 -9.75 5.09
N THR A 116 4.39 -10.49 6.16
CA THR A 116 3.56 -10.49 7.34
C THR A 116 3.62 -9.14 8.07
N VAL A 117 2.73 -8.96 9.04
CA VAL A 117 2.68 -7.75 9.84
C VAL A 117 3.97 -7.54 10.64
N LEU A 118 4.47 -8.60 11.26
CA LEU A 118 5.73 -8.54 12.01
C LEU A 118 6.89 -8.12 11.12
N ASN A 119 6.91 -8.66 9.90
CA ASN A 119 7.99 -8.41 8.94
C ASN A 119 7.98 -7.01 8.37
N ASN A 120 6.77 -6.50 8.14
CA ASN A 120 6.53 -5.10 7.77
C ASN A 120 7.19 -4.11 8.73
N ILE A 121 7.08 -4.41 10.02
CA ILE A 121 7.56 -3.53 11.05
C ILE A 121 9.08 -3.62 11.19
N THR A 122 9.62 -4.84 11.10
CA THR A 122 11.06 -5.08 11.35
C THR A 122 11.95 -4.82 10.14
N LEU A 123 11.35 -4.71 8.95
CA LEU A 123 12.14 -4.55 7.73
C LEU A 123 13.13 -3.41 7.81
N ALA A 124 12.65 -2.22 8.19
CA ALA A 124 13.46 -1.02 8.20
C ALA A 124 14.51 -0.97 9.32
N PRO A 125 14.11 -1.24 10.59
CA PRO A 125 15.13 -1.25 11.64
C PRO A 125 16.25 -2.27 11.41
N MET A 126 15.97 -3.34 10.65
CA MET A 126 16.98 -4.35 10.36
C MET A 126 17.93 -3.91 9.26
N LYS A 127 17.38 -3.31 8.21
CA LYS A 127 18.19 -2.83 7.11
C LYS A 127 18.97 -1.58 7.50
N VAL A 128 18.27 -0.63 8.13
CA VAL A 128 18.82 0.69 8.43
C VAL A 128 19.67 0.72 9.70
N ARG A 129 19.21 0.05 10.76
CA ARG A 129 19.94 0.05 12.02
C ARG A 129 20.74 -1.24 12.23
N LYS A 130 20.60 -2.19 11.32
CA LYS A 130 21.31 -3.48 11.41
C LYS A 130 21.05 -4.20 12.74
N TRP A 131 19.80 -4.19 13.18
CA TRP A 131 19.42 -4.96 14.37
C TRP A 131 19.27 -6.45 14.01
N PRO A 132 19.74 -7.36 14.90
CA PRO A 132 19.46 -8.79 14.71
C PRO A 132 17.95 -9.05 14.71
N ARG A 133 17.53 -10.18 14.13
CA ARG A 133 16.10 -10.45 13.98
C ARG A 133 15.31 -10.43 15.30
N GLU A 134 15.82 -11.09 16.33
CA GLU A 134 15.05 -11.18 17.59
C GLU A 134 14.96 -9.84 18.33
N LYS A 135 15.96 -8.98 18.12
CA LYS A 135 15.95 -7.63 18.69
C LYS A 135 14.83 -6.82 18.06
N ALA A 136 14.82 -6.76 16.73
CA ALA A 136 13.81 -6.04 15.98
C ALA A 136 12.40 -6.55 16.28
N GLU A 137 12.26 -7.87 16.41
CA GLU A 137 10.96 -8.52 16.62
C GLU A 137 10.37 -8.29 18.02
N ALA A 138 11.24 -8.26 19.02
CA ALA A 138 10.83 -7.92 20.39
C ALA A 138 10.30 -6.47 20.43
N LYS A 139 10.95 -5.59 19.67
CA LYS A 139 10.54 -4.19 19.55
C LYS A 139 9.23 -4.04 18.77
N ALA A 140 9.07 -4.84 17.71
CA ALA A 140 7.84 -4.84 16.91
C ALA A 140 6.66 -5.43 17.67
N MET A 141 6.93 -6.45 18.47
CA MET A 141 5.89 -7.12 19.25
C MET A 141 5.31 -6.21 20.32
N GLU A 142 6.18 -5.41 20.95
CA GLU A 142 5.74 -4.48 21.97
C GLU A 142 5.00 -3.30 21.35
N LEU A 143 5.41 -2.93 20.13
CA LEU A 143 4.71 -1.93 19.34
C LEU A 143 3.34 -2.39 18.86
N LEU A 144 3.24 -3.66 18.48
CA LEU A 144 1.95 -4.24 18.12
C LEU A 144 1.03 -4.32 19.34
N ASP A 145 1.59 -4.70 20.48
CA ASP A 145 0.88 -4.67 21.75
C ASP A 145 0.28 -3.28 22.04
N LYS A 146 1.09 -2.24 21.92
CA LYS A 146 0.65 -0.88 22.24
C LYS A 146 -0.48 -0.35 21.35
N VAL A 147 -0.51 -0.80 20.09
CA VAL A 147 -1.59 -0.43 19.16
C VAL A 147 -2.74 -1.44 19.19
N GLY A 148 -2.63 -2.43 20.07
CA GLY A 148 -3.69 -3.41 20.30
C GLY A 148 -3.82 -4.42 19.18
N LEU A 149 -2.70 -4.89 18.65
CA LEU A 149 -2.71 -5.77 17.48
C LEU A 149 -1.65 -6.87 17.48
N LYS A 150 -1.10 -7.19 18.66
CA LYS A 150 -0.10 -8.26 18.75
C LYS A 150 -0.58 -9.58 18.15
N ASP A 151 -1.87 -9.86 18.31
CA ASP A 151 -2.48 -11.08 17.75
C ASP A 151 -2.41 -11.18 16.23
N LYS A 152 -2.09 -10.07 15.56
CA LYS A 152 -2.00 -10.05 14.09
C LYS A 152 -0.57 -10.11 13.57
N ALA A 153 0.39 -10.35 14.48
CA ALA A 153 1.81 -10.37 14.12
C ALA A 153 2.15 -11.20 12.88
N HIS A 154 1.59 -12.41 12.81
CA HIS A 154 1.91 -13.34 11.73
C HIS A 154 0.87 -13.31 10.60
N ALA A 155 -0.03 -12.33 10.64
CA ALA A 155 -1.03 -12.16 9.60
C ALA A 155 -0.50 -11.31 8.46
N TYR A 156 -1.14 -11.43 7.30
CA TYR A 156 -0.83 -10.61 6.12
C TYR A 156 -1.75 -9.39 6.07
N PRO A 157 -1.24 -8.25 5.54
CA PRO A 157 -1.99 -6.99 5.47
C PRO A 157 -3.43 -7.09 4.95
N ASP A 158 -3.66 -7.92 3.94
CA ASP A 158 -4.99 -7.97 3.32
C ASP A 158 -6.05 -8.70 4.14
N SER A 159 -5.60 -9.26 5.26
CA SER A 159 -6.49 -9.89 6.22
C SER A 159 -6.96 -8.85 7.22
N LEU A 160 -6.37 -7.66 7.16
CA LEU A 160 -6.64 -6.59 8.12
C LEU A 160 -7.70 -5.64 7.64
N SER A 161 -8.43 -5.07 8.60
CA SER A 161 -9.34 -3.98 8.29
C SER A 161 -8.56 -2.69 8.02
N GLY A 162 -9.24 -1.64 7.60
CA GLY A 162 -8.59 -0.34 7.39
C GLY A 162 -8.03 0.21 8.70
N GLY A 163 -8.85 0.14 9.74
CA GLY A 163 -8.43 0.54 11.08
C GLY A 163 -7.16 -0.17 11.50
N GLN A 164 -7.16 -1.50 11.33
CA GLN A 164 -6.01 -2.34 11.68
C GLN A 164 -4.78 -2.01 10.85
N ALA A 165 -4.92 -2.04 9.53
CA ALA A 165 -3.84 -1.70 8.60
C ALA A 165 -3.16 -0.38 8.97
N GLN A 166 -3.97 0.63 9.23
CA GLN A 166 -3.43 1.95 9.49
C GLN A 166 -2.74 2.05 10.85
N ARG A 167 -3.15 1.22 11.81
CA ARG A 167 -2.45 1.10 13.08
C ARG A 167 -1.11 0.41 12.96
N VAL A 168 -1.04 -0.60 12.07
CA VAL A 168 0.23 -1.27 11.78
C VAL A 168 1.15 -0.29 11.06
N ALA A 169 0.57 0.59 10.25
CA ALA A 169 1.33 1.63 9.54
C ALA A 169 2.02 2.58 10.51
N ILE A 170 1.37 2.86 11.62
CA ILE A 170 1.96 3.67 12.68
C ILE A 170 3.04 2.87 13.38
N ALA A 171 2.76 1.59 13.64
CA ALA A 171 3.74 0.68 14.26
C ALA A 171 5.03 0.59 13.43
N ARG A 172 4.90 0.44 12.11
CA ARG A 172 6.03 0.45 11.18
C ARG A 172 6.86 1.72 11.34
N ALA A 173 6.18 2.87 11.37
CA ALA A 173 6.84 4.16 11.47
C ALA A 173 7.56 4.33 12.80
N LEU A 174 6.96 3.84 13.87
CA LEU A 174 7.51 3.99 15.21
C LEU A 174 8.68 3.07 15.49
N ALA A 175 8.85 2.04 14.67
CA ALA A 175 9.87 1.01 14.87
C ALA A 175 11.26 1.56 14.65
N MET A 176 11.33 2.60 13.82
CA MET A 176 12.55 3.36 13.56
C MET A 176 12.88 4.36 14.66
N GLU A 177 12.02 4.42 15.68
CA GLU A 177 12.18 5.32 16.82
C GLU A 177 12.36 6.79 16.42
N PRO A 178 11.41 7.33 15.62
CA PRO A 178 11.55 8.72 15.18
C PRO A 178 11.27 9.71 16.31
N LYS A 179 11.62 10.97 16.09
CA LYS A 179 11.20 12.05 16.99
C LYS A 179 10.23 13.00 16.29
N ILE A 180 10.04 12.78 14.99
CA ILE A 180 9.03 13.49 14.24
C ILE A 180 8.13 12.49 13.51
N MET A 181 6.83 12.62 13.77
CA MET A 181 5.83 11.79 13.13
C MET A 181 4.91 12.65 12.28
N LEU A 182 4.96 12.44 10.96
CA LEU A 182 4.07 13.12 10.03
C LEU A 182 2.92 12.19 9.64
N PHE A 183 1.74 12.77 9.51
CA PHE A 183 0.54 12.02 9.13
C PHE A 183 -0.17 12.78 8.02
N ASP A 184 -0.22 12.17 6.85
CA ASP A 184 -0.95 12.76 5.73
C ASP A 184 -2.31 12.08 5.58
N GLU A 185 -3.34 12.71 6.14
CA GLU A 185 -4.72 12.21 6.11
C GLU A 185 -4.81 10.72 6.41
N PRO A 186 -4.33 10.32 7.62
CA PRO A 186 -4.23 8.89 7.93
C PRO A 186 -5.58 8.16 8.01
N THR A 187 -6.68 8.89 8.22
CA THR A 187 -7.99 8.27 8.40
C THR A 187 -8.99 8.60 7.28
N SER A 188 -8.54 9.34 6.26
CA SER A 188 -9.40 9.82 5.17
C SER A 188 -10.06 8.74 4.34
N ALA A 189 -9.28 7.71 4.00
CA ALA A 189 -9.73 6.65 3.11
C ALA A 189 -10.35 5.49 3.89
N LEU A 190 -10.66 5.73 5.15
CA LEU A 190 -11.21 4.69 6.02
C LEU A 190 -12.71 4.86 6.19
N ASP A 191 -13.41 3.73 6.29
CA ASP A 191 -14.80 3.74 6.68
C ASP A 191 -14.91 4.32 8.09
N PRO A 192 -15.91 5.18 8.34
CA PRO A 192 -16.08 5.97 9.56
C PRO A 192 -15.95 5.21 10.90
N GLU A 193 -16.35 3.93 10.92
CA GLU A 193 -16.16 3.10 12.12
C GLU A 193 -14.69 2.72 12.36
N MET A 194 -13.88 2.78 11.31
CA MET A 194 -12.44 2.47 11.39
C MET A 194 -11.61 3.69 11.77
N VAL A 195 -12.21 4.88 11.71
CA VAL A 195 -11.51 6.12 12.00
C VAL A 195 -11.11 6.21 13.49
N GLY A 196 -12.02 5.78 14.36
CA GLY A 196 -11.84 5.91 15.81
C GLY A 196 -10.54 5.38 16.38
N GLU A 197 -10.30 4.09 16.24
CA GLU A 197 -9.16 3.44 16.90
C GLU A 197 -7.78 3.85 16.35
N VAL A 198 -7.74 4.36 15.12
CA VAL A 198 -6.53 4.95 14.57
C VAL A 198 -6.16 6.28 15.28
N LEU A 199 -7.16 7.15 15.46
CA LEU A 199 -6.98 8.40 16.21
C LEU A 199 -6.66 8.18 17.70
N SER A 200 -7.02 7.01 18.24
CA SER A 200 -6.67 6.67 19.62
C SER A 200 -5.17 6.47 19.78
N VAL A 201 -4.54 5.85 18.78
CA VAL A 201 -3.11 5.60 18.77
C VAL A 201 -2.37 6.92 18.62
N MET A 202 -2.85 7.74 17.68
CA MET A 202 -2.31 9.08 17.41
C MET A 202 -2.40 9.98 18.64
N LYS A 203 -3.52 9.90 19.35
CA LYS A 203 -3.69 10.63 20.60
C LYS A 203 -2.68 10.16 21.65
N GLN A 204 -2.57 8.85 21.84
CA GLN A 204 -1.57 8.29 22.77
C GLN A 204 -0.17 8.78 22.42
N LEU A 205 0.13 8.89 21.13
CA LEU A 205 1.40 9.39 20.64
C LEU A 205 1.60 10.89 20.96
N ALA A 206 0.52 11.66 20.81
CA ALA A 206 0.49 13.07 21.20
C ALA A 206 0.66 13.24 22.71
N ASN A 207 0.00 12.38 23.48
CA ASN A 207 0.07 12.41 24.94
C ASN A 207 1.41 11.97 25.52
N GLU A 208 2.28 11.44 24.65
CA GLU A 208 3.58 10.93 25.08
C GLU A 208 4.73 11.85 24.71
N GLY A 209 4.41 12.98 24.07
CA GLY A 209 5.41 14.01 23.77
C GLY A 209 5.98 14.01 22.37
N MET A 210 5.37 13.24 21.47
CA MET A 210 5.81 13.19 20.07
C MET A 210 5.51 14.49 19.31
N THR A 211 6.51 14.98 18.59
CA THR A 211 6.32 16.10 17.67
C THR A 211 5.56 15.56 16.48
N MET A 212 4.36 16.08 16.26
CA MET A 212 3.49 15.58 15.22
C MET A 212 2.97 16.67 14.31
N VAL A 213 3.07 16.42 13.00
CA VAL A 213 2.36 17.22 12.01
C VAL A 213 1.29 16.31 11.40
N VAL A 214 0.03 16.69 11.61
CA VAL A 214 -1.11 15.90 11.19
C VAL A 214 -1.99 16.67 10.21
N VAL A 215 -1.97 16.26 8.95
CA VAL A 215 -2.93 16.72 7.97
C VAL A 215 -4.19 15.89 8.21
N THR A 216 -5.25 16.56 8.68
CA THR A 216 -6.48 15.90 9.06
C THR A 216 -7.66 16.88 9.11
N HIS A 217 -8.83 16.41 8.70
CA HIS A 217 -10.04 17.20 8.85
C HIS A 217 -10.97 16.56 9.87
N GLU A 218 -10.34 15.80 10.78
CA GLU A 218 -10.97 15.27 11.97
C GLU A 218 -10.90 16.31 13.10
N MET A 219 -12.00 17.03 13.27
CA MET A 219 -12.06 18.16 14.21
C MET A 219 -11.84 17.76 15.67
N GLY A 220 -12.60 16.78 16.14
CA GLY A 220 -12.47 16.29 17.53
C GLY A 220 -11.04 15.99 17.93
N PHE A 221 -10.27 15.40 17.00
CA PHE A 221 -8.87 15.10 17.21
C PHE A 221 -8.07 16.38 17.41
N ALA A 222 -8.22 17.31 16.45
CA ALA A 222 -7.54 18.60 16.47
C ALA A 222 -7.78 19.37 17.77
N ARG A 223 -9.05 19.42 18.21
CA ARG A 223 -9.41 20.15 19.42
C ARG A 223 -8.77 19.51 20.66
N GLU A 224 -8.84 18.19 20.72
CA GLU A 224 -8.38 17.44 21.89
C GLU A 224 -6.86 17.49 22.10
N VAL A 225 -6.09 16.96 21.16
CA VAL A 225 -4.63 16.86 21.34
C VAL A 225 -3.80 17.88 20.55
N GLY A 226 -4.47 18.66 19.70
CA GLY A 226 -3.79 19.68 18.91
C GLY A 226 -3.32 20.89 19.69
N ASP A 227 -2.12 21.37 19.36
CA ASP A 227 -1.57 22.60 19.93
C ASP A 227 -1.86 23.79 19.01
N ARG A 228 -1.75 23.56 17.70
CA ARG A 228 -2.02 24.57 16.71
C ARG A 228 -2.71 23.95 15.51
N VAL A 229 -3.45 24.78 14.78
CA VAL A 229 -4.06 24.40 13.51
C VAL A 229 -3.58 25.37 12.43
N LEU A 230 -3.06 24.84 11.33
CA LEU A 230 -2.62 25.69 10.21
C LEU A 230 -3.58 25.54 9.06
N PHE A 231 -4.18 26.65 8.64
CA PHE A 231 -5.07 26.62 7.50
C PHE A 231 -4.28 26.93 6.25
N MET A 232 -4.14 25.93 5.38
CA MET A 232 -3.45 26.10 4.12
C MET A 232 -4.46 26.27 3.01
N ASP A 233 -4.14 27.12 2.05
CA ASP A 233 -4.99 27.36 0.91
C ASP A 233 -4.18 28.03 -0.19
N GLY A 234 -4.11 27.38 -1.35
CA GLY A 234 -3.43 27.92 -2.52
C GLY A 234 -1.93 28.16 -2.36
N GLY A 235 -1.28 27.37 -1.51
CA GLY A 235 0.17 27.44 -1.37
C GLY A 235 0.65 28.27 -0.19
N TYR A 236 -0.29 28.86 0.54
CA TYR A 236 0.03 29.68 1.68
C TYR A 236 -0.54 29.06 2.93
N ILE A 237 0.06 29.35 4.07
CA ILE A 237 -0.64 29.23 5.33
C ILE A 237 -1.42 30.53 5.48
N ILE A 238 -2.73 30.45 5.31
CA ILE A 238 -3.55 31.65 5.30
C ILE A 238 -3.87 32.15 6.71
N GLU A 239 -4.07 31.22 7.64
CA GLU A 239 -4.33 31.57 9.02
C GLU A 239 -3.87 30.42 9.91
N GLU A 240 -3.46 30.73 11.12
CA GLU A 240 -3.11 29.70 12.11
C GLU A 240 -3.58 30.10 13.51
N GLY A 241 -3.39 29.22 14.48
CA GLY A 241 -3.75 29.51 15.86
C GLY A 241 -4.16 28.28 16.62
N LYS A 242 -4.49 28.44 17.91
CA LYS A 242 -5.05 27.33 18.70
C LYS A 242 -6.33 26.80 18.05
N PRO A 243 -6.57 25.48 18.15
CA PRO A 243 -7.72 24.82 17.51
C PRO A 243 -9.05 25.47 17.83
N GLU A 244 -9.38 25.61 19.13
CA GLU A 244 -10.57 26.32 19.57
C GLU A 244 -10.69 27.68 18.90
N ASP A 245 -9.60 28.46 18.94
CA ASP A 245 -9.56 29.80 18.34
C ASP A 245 -9.76 29.80 16.83
N LEU A 246 -9.04 28.92 16.12
CA LEU A 246 -9.16 28.86 14.66
C LEU A 246 -10.48 28.24 14.19
N PHE A 247 -10.98 27.27 14.95
CA PHE A 247 -12.24 26.59 14.63
C PHE A 247 -13.47 27.45 14.95
N ASP A 248 -13.42 28.14 16.09
CA ASP A 248 -14.60 28.83 16.61
C ASP A 248 -14.64 30.32 16.36
N ARG A 249 -13.48 30.94 16.18
CA ARG A 249 -13.42 32.35 15.83
C ARG A 249 -12.34 32.66 14.78
N PRO A 250 -12.52 32.11 13.55
CA PRO A 250 -11.57 32.35 12.47
C PRO A 250 -11.61 33.82 12.05
N GLN A 251 -10.45 34.37 11.75
CA GLN A 251 -10.32 35.80 11.47
C GLN A 251 -10.37 36.10 9.98
N HIS A 252 -9.84 35.17 9.18
CA HIS A 252 -9.73 35.35 7.75
C HIS A 252 -10.95 34.75 7.04
N GLU A 253 -11.47 35.43 6.02
CA GLU A 253 -12.70 34.99 5.34
C GLU A 253 -12.57 33.68 4.57
N ARG A 254 -11.36 33.40 4.06
CA ARG A 254 -11.06 32.13 3.41
C ARG A 254 -11.13 30.96 4.39
N THR A 255 -10.65 31.19 5.61
CA THR A 255 -10.74 30.19 6.68
C THR A 255 -12.19 29.94 7.05
N LYS A 256 -12.97 31.02 7.20
CA LYS A 256 -14.40 30.93 7.49
C LYS A 256 -15.15 30.18 6.41
N ALA A 257 -14.88 30.54 5.16
CA ALA A 257 -15.53 29.92 4.01
C ALA A 257 -15.19 28.44 3.91
N PHE A 258 -13.92 28.10 4.17
CA PHE A 258 -13.49 26.71 4.15
C PHE A 258 -14.09 25.91 5.29
N LEU A 259 -14.19 26.52 6.48
CA LEU A 259 -14.77 25.86 7.64
C LEU A 259 -16.26 25.55 7.43
N SER A 260 -16.96 26.51 6.81
CA SER A 260 -18.39 26.40 6.53
C SER A 260 -18.72 25.23 5.61
N LYS A 261 -17.82 24.92 4.68
CA LYS A 261 -18.11 23.88 3.70
C LYS A 261 -17.65 22.48 4.11
N VAL A 262 -16.96 22.39 5.25
CA VAL A 262 -16.41 21.14 5.73
C VAL A 262 -16.99 20.72 7.08
N PHE A 263 -17.01 21.65 8.03
CA PHE A 263 -17.38 21.33 9.41
C PHE A 263 -18.76 21.85 9.77
N LEU B 22 -0.49 -27.60 -19.26
CA LEU B 22 -0.07 -28.28 -18.00
C LEU B 22 1.40 -27.99 -17.71
N GLN B 23 1.95 -26.95 -18.37
CA GLN B 23 3.40 -26.71 -18.43
C GLN B 23 3.92 -25.53 -17.63
N MET B 24 3.15 -24.44 -17.56
CA MET B 24 3.62 -23.22 -16.91
C MET B 24 3.62 -23.30 -15.38
N ILE B 25 2.51 -23.76 -14.81
CA ILE B 25 2.42 -24.01 -13.37
C ILE B 25 1.96 -25.44 -13.13
N ASP B 26 2.68 -26.14 -12.25
CA ASP B 26 2.38 -27.52 -11.94
C ASP B 26 2.35 -27.69 -10.43
N VAL B 27 1.20 -28.13 -9.91
CA VAL B 27 1.00 -28.24 -8.47
C VAL B 27 0.48 -29.63 -8.14
N HIS B 28 1.25 -30.35 -7.32
CA HIS B 28 0.97 -31.74 -6.99
C HIS B 28 0.84 -31.91 -5.48
N GLN B 29 -0.33 -32.36 -5.03
CA GLN B 29 -0.61 -32.63 -3.62
C GLN B 29 -0.17 -31.52 -2.65
N LEU B 30 -0.44 -30.27 -3.01
CA LEU B 30 -0.02 -29.14 -2.21
C LEU B 30 -0.75 -29.10 -0.87
N LYS B 31 0.01 -29.07 0.22
CA LYS B 31 -0.55 -28.88 1.55
C LYS B 31 0.21 -27.81 2.33
N LYS B 32 -0.51 -27.12 3.21
CA LYS B 32 0.05 -26.06 4.04
C LYS B 32 -0.68 -26.03 5.37
N SER B 33 0.06 -25.86 6.45
CA SER B 33 -0.53 -25.73 7.79
C SER B 33 0.01 -24.49 8.48
N PHE B 34 -0.86 -23.83 9.24
CA PHE B 34 -0.45 -22.78 10.15
C PHE B 34 -0.59 -23.29 11.58
N GLY B 35 0.31 -24.19 11.95
CA GLY B 35 0.23 -24.91 13.21
C GLY B 35 -0.87 -25.96 13.18
N SER B 36 -2.02 -25.61 13.76
CA SER B 36 -3.18 -26.51 13.80
C SER B 36 -3.94 -26.56 12.48
N LEU B 37 -4.26 -25.38 11.94
CA LEU B 37 -5.11 -25.26 10.78
C LEU B 37 -4.34 -25.58 9.49
N GLU B 38 -4.62 -26.75 8.93
CA GLU B 38 -4.09 -27.11 7.62
C GLU B 38 -4.95 -26.42 6.57
N VAL B 39 -4.45 -25.31 6.04
CA VAL B 39 -5.25 -24.40 5.20
C VAL B 39 -5.38 -24.83 3.73
N LEU B 40 -4.38 -25.56 3.24
CA LEU B 40 -4.44 -26.23 1.95
C LEU B 40 -4.31 -27.71 2.23
N LYS B 41 -5.35 -28.46 1.87
CA LYS B 41 -5.47 -29.84 2.34
C LYS B 41 -5.15 -30.89 1.27
N GLY B 42 -4.35 -30.50 0.28
CA GLY B 42 -3.99 -31.40 -0.80
C GLY B 42 -4.66 -30.91 -2.07
N ILE B 43 -4.01 -29.97 -2.75
CA ILE B 43 -4.59 -29.43 -3.97
C ILE B 43 -3.71 -29.67 -5.20
N ASN B 44 -4.38 -29.98 -6.31
CA ASN B 44 -3.73 -30.31 -7.56
C ASN B 44 -4.23 -29.40 -8.67
N VAL B 45 -3.30 -28.71 -9.34
CA VAL B 45 -3.64 -27.89 -10.51
C VAL B 45 -2.47 -27.83 -11.48
N HIS B 46 -2.79 -27.76 -12.77
CA HIS B 46 -1.79 -27.75 -13.82
C HIS B 46 -2.18 -26.73 -14.88
N ILE B 47 -1.40 -25.66 -14.95
CA ILE B 47 -1.72 -24.48 -15.75
C ILE B 47 -0.79 -24.42 -16.96
N ARG B 48 -1.37 -24.36 -18.15
CA ARG B 48 -0.59 -24.25 -19.38
C ARG B 48 -0.21 -22.80 -19.70
N GLU B 49 0.90 -22.65 -20.43
CA GLU B 49 1.35 -21.35 -20.90
C GLU B 49 0.20 -20.66 -21.63
N GLY B 50 -0.12 -19.44 -21.20
CA GLY B 50 -1.18 -18.65 -21.81
C GLY B 50 -2.59 -18.97 -21.35
N GLU B 51 -2.70 -19.70 -20.24
CA GLU B 51 -4.00 -20.04 -19.68
C GLU B 51 -4.41 -19.09 -18.56
N VAL B 52 -5.61 -18.53 -18.69
CA VAL B 52 -6.24 -17.72 -17.66
C VAL B 52 -7.09 -18.63 -16.76
N VAL B 53 -6.62 -18.84 -15.53
CA VAL B 53 -7.37 -19.63 -14.55
C VAL B 53 -7.89 -18.72 -13.44
N VAL B 54 -9.16 -18.91 -13.11
CA VAL B 54 -9.86 -18.06 -12.15
C VAL B 54 -10.19 -18.85 -10.89
N VAL B 55 -9.80 -18.30 -9.73
CA VAL B 55 -10.03 -18.97 -8.45
C VAL B 55 -11.14 -18.27 -7.66
N ILE B 56 -12.16 -19.04 -7.30
CA ILE B 56 -13.33 -18.51 -6.58
C ILE B 56 -13.56 -19.33 -5.31
N GLY B 57 -14.41 -18.82 -4.42
CA GLY B 57 -14.72 -19.52 -3.19
C GLY B 57 -14.80 -18.59 -2.00
N PRO B 58 -15.37 -19.08 -0.88
CA PRO B 58 -15.62 -18.22 0.27
C PRO B 58 -14.34 -17.82 0.97
N SER B 59 -14.49 -16.97 1.98
CA SER B 59 -13.42 -16.60 2.90
C SER B 59 -12.86 -17.80 3.62
N GLY B 60 -11.55 -17.81 3.80
CA GLY B 60 -10.87 -18.86 4.55
C GLY B 60 -10.64 -20.15 3.79
N SER B 61 -10.65 -20.08 2.47
CA SER B 61 -10.48 -21.27 1.62
C SER B 61 -9.01 -21.61 1.31
N GLY B 62 -8.13 -20.66 1.56
CA GLY B 62 -6.71 -20.84 1.23
C GLY B 62 -6.39 -20.29 -0.15
N LYS B 63 -7.27 -19.42 -0.66
CA LYS B 63 -7.07 -18.83 -1.98
C LYS B 63 -5.81 -17.94 -2.03
N SER B 64 -5.63 -17.09 -1.02
CA SER B 64 -4.46 -16.21 -0.93
C SER B 64 -3.18 -16.95 -0.59
N THR B 65 -3.28 -17.88 0.38
CA THR B 65 -2.19 -18.79 0.73
C THR B 65 -1.71 -19.54 -0.50
N PHE B 66 -2.65 -20.01 -1.31
CA PHE B 66 -2.34 -20.70 -2.57
C PHE B 66 -1.49 -19.83 -3.48
N LEU B 67 -1.93 -18.59 -3.70
CA LEU B 67 -1.22 -17.63 -4.56
C LEU B 67 0.16 -17.27 -4.02
N ARG B 68 0.27 -17.20 -2.69
CA ARG B 68 1.51 -16.90 -2.01
C ARG B 68 2.56 -17.99 -2.21
N CYS B 69 2.14 -19.24 -2.09
CA CYS B 69 3.02 -20.39 -2.37
C CYS B 69 3.55 -20.31 -3.79
N LEU B 70 2.68 -19.95 -4.72
CA LEU B 70 3.03 -19.79 -6.12
C LEU B 70 4.04 -18.67 -6.33
N ASN B 71 3.98 -17.65 -5.47
CA ASN B 71 4.82 -16.46 -5.61
C ASN B 71 6.03 -16.50 -4.68
N LEU B 72 6.27 -17.66 -4.07
CA LEU B 72 7.43 -17.87 -3.18
C LEU B 72 7.43 -16.98 -1.94
N LEU B 73 6.23 -16.55 -1.54
CA LEU B 73 6.05 -15.70 -0.36
C LEU B 73 5.72 -16.55 0.87
N GLU B 74 5.36 -17.81 0.61
CA GLU B 74 5.09 -18.79 1.66
C GLU B 74 5.66 -20.14 1.25
N ASP B 75 6.31 -20.82 2.18
CA ASP B 75 6.72 -22.20 1.92
C ASP B 75 5.61 -23.16 2.31
N PHE B 76 5.63 -24.36 1.75
CA PHE B 76 4.58 -25.34 2.00
C PHE B 76 5.09 -26.55 2.76
N ASP B 77 4.15 -27.25 3.40
CA ASP B 77 4.48 -28.38 4.26
C ASP B 77 4.71 -29.67 3.49
N GLU B 78 3.92 -29.88 2.43
CA GLU B 78 4.13 -31.04 1.56
C GLU B 78 3.64 -30.78 0.13
N GLY B 79 4.01 -31.67 -0.77
CA GLY B 79 3.61 -31.55 -2.16
C GLY B 79 4.72 -31.01 -3.04
N GLU B 80 4.32 -30.55 -4.22
CA GLU B 80 5.26 -30.15 -5.26
C GLU B 80 4.71 -28.92 -5.96
N ILE B 81 5.58 -27.93 -6.18
CA ILE B 81 5.25 -26.82 -7.08
C ILE B 81 6.35 -26.65 -8.12
N ILE B 82 5.96 -26.72 -9.39
CA ILE B 82 6.87 -26.56 -10.51
C ILE B 82 6.41 -25.33 -11.30
N ILE B 83 7.30 -24.39 -11.51
CA ILE B 83 6.99 -23.19 -12.29
C ILE B 83 7.97 -23.03 -13.45
N ASP B 84 7.42 -22.96 -14.67
CA ASP B 84 8.19 -22.85 -15.91
C ASP B 84 9.17 -24.02 -16.04
N GLY B 85 8.72 -25.19 -15.58
CA GLY B 85 9.52 -26.40 -15.61
C GLY B 85 10.64 -26.49 -14.59
N ILE B 86 10.59 -25.68 -13.53
CA ILE B 86 11.57 -25.81 -12.44
C ILE B 86 10.93 -25.92 -11.05
N ASN B 87 11.56 -26.73 -10.20
CA ASN B 87 11.02 -27.11 -8.89
C ASN B 87 11.39 -26.10 -7.82
N LEU B 88 10.39 -25.72 -7.02
CA LEU B 88 10.58 -24.70 -5.98
C LEU B 88 11.36 -25.21 -4.77
N LYS B 89 11.46 -26.53 -4.63
CA LYS B 89 12.16 -27.13 -3.49
C LYS B 89 13.42 -27.92 -3.89
N ALA B 90 13.82 -27.84 -5.15
CA ALA B 90 15.06 -28.44 -5.61
C ALA B 90 16.26 -27.63 -5.10
N LYS B 91 17.32 -28.34 -4.67
CA LYS B 91 18.52 -27.70 -4.11
C LYS B 91 19.25 -26.81 -5.11
N ASP B 92 19.22 -27.21 -6.38
CA ASP B 92 19.91 -26.51 -7.47
C ASP B 92 19.21 -25.25 -7.97
N THR B 93 17.92 -25.11 -7.67
CA THR B 93 17.10 -24.06 -8.28
C THR B 93 17.25 -22.68 -7.63
N ASN B 94 17.37 -21.66 -8.47
CA ASN B 94 17.43 -20.28 -8.02
C ASN B 94 16.03 -19.71 -7.81
N LEU B 95 15.67 -19.53 -6.54
CA LEU B 95 14.36 -19.03 -6.14
C LEU B 95 14.16 -17.56 -6.50
N ASN B 96 15.23 -16.77 -6.45
CA ASN B 96 15.19 -15.35 -6.83
C ASN B 96 14.92 -15.17 -8.32
N LYS B 97 15.44 -16.07 -9.13
CA LYS B 97 15.21 -16.09 -10.57
C LYS B 97 13.74 -16.35 -10.90
N VAL B 98 13.12 -17.26 -10.13
CA VAL B 98 11.69 -17.54 -10.28
C VAL B 98 10.87 -16.35 -9.81
N ARG B 99 11.21 -15.85 -8.62
CA ARG B 99 10.55 -14.70 -8.02
C ARG B 99 10.26 -13.58 -9.01
N GLU B 100 11.18 -13.35 -9.94
CA GLU B 100 11.03 -12.26 -10.91
C GLU B 100 10.31 -12.66 -12.21
N GLU B 101 9.98 -13.94 -12.34
CA GLU B 101 9.20 -14.44 -13.49
C GLU B 101 7.71 -14.49 -13.17
N VAL B 102 7.39 -14.41 -11.88
CA VAL B 102 6.01 -14.36 -11.41
C VAL B 102 5.69 -12.95 -10.92
N GLY B 103 4.59 -12.38 -11.41
CA GLY B 103 4.09 -11.10 -10.94
C GLY B 103 2.92 -11.33 -10.01
N MET B 104 2.74 -10.43 -9.04
CA MET B 104 1.56 -10.48 -8.17
C MET B 104 0.98 -9.10 -7.86
N VAL B 105 -0.32 -8.97 -8.07
CA VAL B 105 -1.08 -7.77 -7.69
C VAL B 105 -2.06 -8.14 -6.58
N PHE B 106 -2.01 -7.37 -5.49
CA PHE B 106 -2.82 -7.67 -4.31
C PHE B 106 -4.09 -6.82 -4.27
N GLN B 107 -4.91 -7.04 -3.25
CA GLN B 107 -6.15 -6.30 -3.06
C GLN B 107 -5.87 -4.86 -2.64
N ARG B 108 -4.81 -4.69 -1.84
CA ARG B 108 -4.40 -3.37 -1.37
C ARG B 108 -2.89 -3.28 -1.26
N PHE B 109 -2.41 -2.08 -0.89
CA PHE B 109 -1.02 -1.81 -0.51
C PHE B 109 0.01 -2.04 -1.60
N ASN B 110 -0.41 -2.03 -2.87
CA ASN B 110 0.50 -2.34 -3.97
C ASN B 110 1.58 -1.32 -4.27
N LEU B 111 1.34 -0.06 -3.94
CA LEU B 111 2.25 1.02 -4.33
C LEU B 111 3.05 1.57 -3.16
N PHE B 112 4.20 2.14 -3.48
CA PHE B 112 4.97 2.92 -2.53
C PHE B 112 4.42 4.34 -2.54
N PRO B 113 3.85 4.79 -1.41
CA PRO B 113 3.19 6.10 -1.33
C PRO B 113 4.15 7.29 -1.35
N HIS B 114 5.42 7.01 -1.07
CA HIS B 114 6.47 8.02 -1.01
C HIS B 114 7.22 8.20 -2.32
N MET B 115 6.83 7.44 -3.33
CA MET B 115 7.47 7.52 -4.66
C MET B 115 6.44 7.91 -5.69
N THR B 116 6.88 8.55 -6.77
CA THR B 116 5.98 8.88 -7.87
C THR B 116 5.51 7.61 -8.57
N VAL B 117 4.44 7.74 -9.36
CA VAL B 117 3.92 6.62 -10.14
C VAL B 117 5.00 5.96 -10.99
N LEU B 118 5.83 6.79 -11.63
CA LEU B 118 6.90 6.33 -12.50
C LEU B 118 7.96 5.54 -11.72
N ASN B 119 8.39 6.10 -10.59
CA ASN B 119 9.45 5.50 -9.80
C ASN B 119 9.01 4.21 -9.11
N ASN B 120 7.71 4.06 -8.94
CA ASN B 120 7.10 2.81 -8.48
C ASN B 120 7.36 1.70 -9.48
N ILE B 121 7.14 2.02 -10.75
CA ILE B 121 7.23 1.07 -11.85
C ILE B 121 8.68 0.71 -12.16
N THR B 122 9.56 1.70 -12.09
CA THR B 122 10.96 1.54 -12.50
C THR B 122 11.87 0.95 -11.42
N LEU B 123 11.43 0.98 -10.16
CA LEU B 123 12.26 0.55 -9.03
C LEU B 123 12.87 -0.85 -9.21
N ALA B 124 12.01 -1.86 -9.34
CA ALA B 124 12.44 -3.26 -9.48
C ALA B 124 13.23 -3.56 -10.77
N PRO B 125 12.71 -3.16 -11.96
CA PRO B 125 13.46 -3.39 -13.19
C PRO B 125 14.89 -2.83 -13.14
N MET B 126 15.12 -1.81 -12.33
CA MET B 126 16.45 -1.23 -12.14
C MET B 126 17.23 -1.94 -11.03
N LYS B 127 16.58 -2.15 -9.90
CA LYS B 127 17.20 -2.79 -8.72
C LYS B 127 17.47 -4.29 -8.93
N VAL B 128 16.55 -4.98 -9.60
CA VAL B 128 16.63 -6.43 -9.74
C VAL B 128 17.30 -6.85 -11.06
N ARG B 129 16.82 -6.29 -12.17
CA ARG B 129 17.26 -6.67 -13.50
C ARG B 129 18.41 -5.80 -14.01
N LYS B 130 18.87 -4.89 -13.14
CA LYS B 130 19.97 -3.97 -13.44
C LYS B 130 19.86 -3.23 -14.79
N TRP B 131 18.66 -2.71 -15.05
CA TRP B 131 18.40 -1.89 -16.23
C TRP B 131 18.88 -0.45 -16.02
N PRO B 132 19.27 0.24 -17.11
CA PRO B 132 19.59 1.66 -16.99
C PRO B 132 18.31 2.53 -16.97
N ARG B 133 18.36 3.63 -16.21
CA ARG B 133 17.19 4.49 -15.95
C ARG B 133 16.36 4.82 -17.20
N GLU B 134 17.03 5.26 -18.26
CA GLU B 134 16.37 5.68 -19.50
C GLU B 134 15.56 4.53 -20.11
N LYS B 135 16.16 3.33 -20.13
CA LYS B 135 15.49 2.11 -20.60
C LYS B 135 14.26 1.75 -19.77
N ALA B 136 14.43 1.72 -18.45
CA ALA B 136 13.35 1.37 -17.52
C ALA B 136 12.18 2.35 -17.57
N GLU B 137 12.50 3.65 -17.66
CA GLU B 137 11.46 4.69 -17.76
C GLU B 137 10.74 4.69 -19.10
N ALA B 138 11.46 4.33 -20.16
CA ALA B 138 10.87 4.17 -21.49
C ALA B 138 9.78 3.09 -21.49
N LYS B 139 10.08 1.96 -20.86
CA LYS B 139 9.13 0.85 -20.75
C LYS B 139 8.00 1.14 -19.77
N ALA B 140 8.30 1.93 -18.73
CA ALA B 140 7.31 2.31 -17.73
C ALA B 140 6.27 3.27 -18.29
N MET B 141 6.71 4.20 -19.14
CA MET B 141 5.81 5.12 -19.84
C MET B 141 4.94 4.36 -20.85
N GLU B 142 5.51 3.30 -21.42
CA GLU B 142 4.83 2.42 -22.36
C GLU B 142 3.71 1.64 -21.68
N LEU B 143 3.97 1.20 -20.44
CA LEU B 143 2.96 0.47 -19.68
C LEU B 143 1.87 1.38 -19.12
N LEU B 144 2.26 2.59 -18.70
CA LEU B 144 1.31 3.60 -18.25
C LEU B 144 0.38 4.02 -19.38
N ASP B 145 0.95 4.09 -20.59
CA ASP B 145 0.18 4.34 -21.81
C ASP B 145 -0.86 3.25 -22.00
N LYS B 146 -0.43 2.00 -21.86
CA LYS B 146 -1.27 0.81 -22.04
C LYS B 146 -2.45 0.75 -21.05
N VAL B 147 -2.24 1.23 -19.83
CA VAL B 147 -3.29 1.23 -18.81
C VAL B 147 -4.09 2.55 -18.78
N GLY B 148 -3.65 3.52 -19.56
CA GLY B 148 -4.35 4.79 -19.73
C GLY B 148 -3.99 5.84 -18.68
N LEU B 149 -2.74 5.82 -18.23
CA LEU B 149 -2.28 6.71 -17.16
C LEU B 149 -0.83 7.22 -17.35
N LYS B 150 -0.48 7.58 -18.58
CA LYS B 150 0.80 8.21 -18.87
C LYS B 150 0.84 9.64 -18.29
N ASP B 151 -0.34 10.26 -18.23
CA ASP B 151 -0.52 11.61 -17.66
C ASP B 151 -0.48 11.63 -16.13
N LYS B 152 -0.03 10.53 -15.53
CA LYS B 152 0.08 10.43 -14.08
C LYS B 152 1.46 9.92 -13.67
N ALA B 153 2.38 9.90 -14.63
CA ALA B 153 3.74 9.38 -14.42
C ALA B 153 4.45 10.00 -13.23
N HIS B 154 4.30 11.32 -13.07
CA HIS B 154 5.00 12.05 -12.04
C HIS B 154 4.13 12.33 -10.81
N ALA B 155 2.87 11.93 -10.90
CA ALA B 155 1.94 12.01 -9.77
C ALA B 155 2.35 11.08 -8.64
N TYR B 156 1.87 11.38 -7.43
CA TYR B 156 2.08 10.51 -6.26
C TYR B 156 0.84 9.65 -6.05
N PRO B 157 1.02 8.43 -5.52
CA PRO B 157 -0.10 7.52 -5.24
C PRO B 157 -1.31 8.15 -4.55
N ASP B 158 -1.10 9.15 -3.71
CA ASP B 158 -2.19 9.82 -2.98
C ASP B 158 -3.14 10.58 -3.92
N SER B 159 -2.62 10.98 -5.07
CA SER B 159 -3.40 11.70 -6.08
C SER B 159 -4.28 10.75 -6.89
N LEU B 160 -4.01 9.46 -6.79
CA LEU B 160 -4.70 8.45 -7.59
C LEU B 160 -5.95 7.91 -6.92
N SER B 161 -6.98 7.66 -7.71
CA SER B 161 -8.15 6.93 -7.26
C SER B 161 -7.81 5.44 -7.14
N GLY B 162 -8.65 4.69 -6.44
CA GLY B 162 -8.42 3.25 -6.24
C GLY B 162 -8.29 2.47 -7.54
N GLY B 163 -9.11 2.82 -8.53
CA GLY B 163 -9.06 2.21 -9.85
C GLY B 163 -7.79 2.56 -10.57
N GLN B 164 -7.32 3.78 -10.38
CA GLN B 164 -6.06 4.24 -10.98
C GLN B 164 -4.85 3.62 -10.27
N ALA B 165 -4.92 3.52 -8.94
CA ALA B 165 -3.86 2.91 -8.14
C ALA B 165 -3.66 1.43 -8.51
N GLN B 166 -4.77 0.70 -8.65
CA GLN B 166 -4.72 -0.71 -9.00
C GLN B 166 -4.20 -0.95 -10.44
N ARG B 167 -4.51 -0.03 -11.34
CA ARG B 167 -3.93 -0.06 -12.70
C ARG B 167 -2.43 0.24 -12.73
N VAL B 168 -1.95 1.00 -11.74
CA VAL B 168 -0.51 1.29 -11.63
C VAL B 168 0.21 0.08 -11.04
N ALA B 169 -0.45 -0.59 -10.09
CA ALA B 169 0.03 -1.85 -9.54
C ALA B 169 0.27 -2.89 -10.65
N ILE B 170 -0.69 -3.01 -11.56
CA ILE B 170 -0.56 -3.91 -12.70
C ILE B 170 0.67 -3.50 -13.50
N ALA B 171 0.71 -2.23 -13.92
CA ALA B 171 1.86 -1.69 -14.68
C ALA B 171 3.19 -1.96 -13.98
N ARG B 172 3.19 -1.83 -12.64
CA ARG B 172 4.36 -2.12 -11.80
C ARG B 172 4.85 -3.53 -12.04
N ALA B 173 3.91 -4.47 -11.97
CA ALA B 173 4.20 -5.90 -12.07
C ALA B 173 4.65 -6.27 -13.48
N LEU B 174 4.01 -5.68 -14.48
CA LEU B 174 4.34 -5.93 -15.88
C LEU B 174 5.73 -5.44 -16.31
N ALA B 175 6.30 -4.51 -15.55
CA ALA B 175 7.60 -3.91 -15.87
C ALA B 175 8.75 -4.89 -15.70
N MET B 176 8.55 -5.85 -14.80
CA MET B 176 9.47 -6.97 -14.64
C MET B 176 9.31 -7.95 -15.79
N GLU B 177 8.36 -7.64 -16.68
CA GLU B 177 7.89 -8.55 -17.73
C GLU B 177 7.90 -10.03 -17.32
N PRO B 178 6.94 -10.42 -16.44
CA PRO B 178 6.88 -11.78 -15.91
C PRO B 178 6.27 -12.72 -16.92
N LYS B 179 6.38 -14.02 -16.66
CA LYS B 179 5.73 -15.03 -17.48
C LYS B 179 4.33 -15.35 -16.95
N ILE B 180 4.15 -15.17 -15.65
CA ILE B 180 2.88 -15.39 -14.98
C ILE B 180 2.47 -14.12 -14.22
N MET B 181 1.17 -13.83 -14.22
CA MET B 181 0.63 -12.74 -13.42
C MET B 181 -0.40 -13.28 -12.44
N LEU B 182 -0.11 -13.12 -11.15
CA LEU B 182 -1.06 -13.50 -10.11
C LEU B 182 -1.89 -12.28 -9.67
N PHE B 183 -3.20 -12.48 -9.50
CA PHE B 183 -4.10 -11.42 -9.07
C PHE B 183 -4.89 -11.91 -7.87
N ASP B 184 -4.68 -11.27 -6.73
CA ASP B 184 -5.44 -11.60 -5.53
C ASP B 184 -6.48 -10.52 -5.24
N GLU B 185 -7.72 -10.80 -5.67
CA GLU B 185 -8.87 -9.91 -5.51
C GLU B 185 -8.53 -8.44 -5.76
N PRO B 186 -8.00 -8.13 -6.97
CA PRO B 186 -7.52 -6.77 -7.22
C PRO B 186 -8.60 -5.69 -7.18
N THR B 187 -9.87 -6.07 -7.34
CA THR B 187 -10.96 -5.08 -7.39
C THR B 187 -11.88 -5.15 -6.17
N SER B 188 -11.58 -6.04 -5.22
CA SER B 188 -12.45 -6.28 -4.07
C SER B 188 -12.58 -5.11 -3.09
N ALA B 189 -11.50 -4.36 -2.91
CA ALA B 189 -11.48 -3.20 -2.02
C ALA B 189 -11.97 -1.91 -2.69
N LEU B 190 -12.20 -1.98 -4.00
CA LEU B 190 -12.59 -0.82 -4.80
C LEU B 190 -14.10 -0.63 -4.85
N ASP B 191 -14.51 0.63 -4.98
CA ASP B 191 -15.91 1.00 -5.24
C ASP B 191 -16.33 0.44 -6.60
N PRO B 192 -17.61 0.08 -6.76
CA PRO B 192 -18.11 -0.54 -8.00
C PRO B 192 -17.83 0.27 -9.27
N GLU B 193 -17.78 1.60 -9.14
CA GLU B 193 -17.46 2.47 -10.27
C GLU B 193 -15.99 2.37 -10.71
N MET B 194 -15.17 1.70 -9.88
CA MET B 194 -13.72 1.60 -10.12
C MET B 194 -13.30 0.19 -10.54
N VAL B 195 -14.23 -0.76 -10.44
CA VAL B 195 -13.96 -2.18 -10.69
C VAL B 195 -13.60 -2.50 -12.15
N GLY B 196 -14.50 -2.15 -13.08
CA GLY B 196 -14.35 -2.47 -14.51
C GLY B 196 -13.13 -1.86 -15.17
N GLU B 197 -12.67 -0.76 -14.58
CA GLU B 197 -11.42 -0.08 -14.92
C GLU B 197 -10.25 -1.05 -14.91
N VAL B 198 -10.13 -1.79 -13.82
CA VAL B 198 -9.04 -2.73 -13.58
C VAL B 198 -9.29 -4.03 -14.34
N LEU B 199 -10.55 -4.46 -14.37
CA LEU B 199 -10.95 -5.67 -15.09
C LEU B 199 -10.67 -5.62 -16.59
N SER B 200 -10.77 -4.44 -17.19
CA SER B 200 -10.49 -4.27 -18.62
C SER B 200 -9.00 -4.33 -18.94
N VAL B 201 -8.16 -3.94 -17.98
CA VAL B 201 -6.71 -4.06 -18.13
C VAL B 201 -6.32 -5.53 -18.04
N MET B 202 -6.89 -6.23 -17.07
CA MET B 202 -6.70 -7.66 -16.89
C MET B 202 -7.25 -8.44 -18.07
N LYS B 203 -8.42 -8.00 -18.55
CA LYS B 203 -9.09 -8.56 -19.74
C LYS B 203 -8.19 -8.46 -20.95
N GLN B 204 -7.65 -7.27 -21.17
CA GLN B 204 -6.69 -7.00 -22.24
C GLN B 204 -5.43 -7.86 -22.10
N LEU B 205 -5.02 -8.09 -20.86
CA LEU B 205 -3.82 -8.86 -20.55
C LEU B 205 -3.97 -10.32 -20.94
N ALA B 206 -5.18 -10.85 -20.75
CA ALA B 206 -5.54 -12.20 -21.16
C ALA B 206 -5.50 -12.35 -22.68
N ASN B 207 -6.02 -11.34 -23.38
CA ASN B 207 -6.04 -11.32 -24.85
C ASN B 207 -4.65 -11.34 -25.50
N GLU B 208 -3.62 -11.13 -24.69
CA GLU B 208 -2.24 -11.08 -25.17
C GLU B 208 -1.44 -12.31 -24.74
N GLY B 209 -2.16 -13.37 -24.38
CA GLY B 209 -1.56 -14.66 -24.07
C GLY B 209 -0.78 -14.75 -22.76
N MET B 210 -1.23 -13.99 -21.76
CA MET B 210 -0.58 -14.01 -20.45
C MET B 210 -1.16 -15.13 -19.58
N THR B 211 -0.27 -15.95 -19.01
CA THR B 211 -0.67 -16.93 -18.01
C THR B 211 -1.08 -16.16 -16.76
N MET B 212 -2.35 -16.26 -16.42
CA MET B 212 -2.90 -15.54 -15.29
C MET B 212 -3.59 -16.48 -14.33
N VAL B 213 -3.34 -16.27 -13.04
CA VAL B 213 -4.17 -16.85 -12.00
C VAL B 213 -4.84 -15.67 -11.28
N VAL B 214 -6.16 -15.61 -11.37
CA VAL B 214 -6.94 -14.50 -10.83
C VAL B 214 -7.87 -15.01 -9.75
N VAL B 215 -7.65 -14.58 -8.52
CA VAL B 215 -8.61 -14.78 -7.45
C VAL B 215 -9.59 -13.62 -7.50
N THR B 216 -10.88 -13.94 -7.61
CA THR B 216 -11.91 -12.93 -7.80
C THR B 216 -13.28 -13.37 -7.30
N HIS B 217 -14.11 -12.38 -7.00
CA HIS B 217 -15.52 -12.62 -6.73
C HIS B 217 -16.38 -12.04 -7.86
N GLU B 218 -15.72 -11.35 -8.80
CA GLU B 218 -16.36 -10.79 -9.98
C GLU B 218 -16.57 -11.89 -11.02
N MET B 219 -17.79 -12.42 -11.04
CA MET B 219 -18.10 -13.61 -11.83
C MET B 219 -18.24 -13.35 -13.33
N GLY B 220 -18.57 -12.10 -13.68
CA GLY B 220 -18.65 -11.65 -15.06
C GLY B 220 -17.30 -11.62 -15.74
N PHE B 221 -16.26 -11.30 -14.98
CA PHE B 221 -14.88 -11.40 -15.47
C PHE B 221 -14.52 -12.86 -15.73
N ALA B 222 -14.79 -13.69 -14.72
CA ALA B 222 -14.53 -15.13 -14.78
C ALA B 222 -15.10 -15.76 -16.05
N ARG B 223 -16.40 -15.57 -16.28
CA ARG B 223 -17.07 -16.13 -17.45
C ARG B 223 -16.55 -15.53 -18.75
N GLU B 224 -16.33 -14.23 -18.75
CA GLU B 224 -15.89 -13.51 -19.95
C GLU B 224 -14.46 -13.86 -20.34
N VAL B 225 -13.60 -14.04 -19.34
CA VAL B 225 -12.14 -14.07 -19.57
C VAL B 225 -11.49 -15.42 -19.26
N GLY B 226 -11.91 -16.07 -18.18
CA GLY B 226 -11.26 -17.28 -17.69
C GLY B 226 -11.40 -18.49 -18.58
N ASP B 227 -10.34 -19.29 -18.69
CA ASP B 227 -10.37 -20.56 -19.41
C ASP B 227 -10.93 -21.67 -18.52
N ARG B 228 -10.55 -21.64 -17.25
CA ARG B 228 -11.11 -22.54 -16.23
C ARG B 228 -11.38 -21.76 -14.96
N VAL B 229 -12.37 -22.23 -14.21
CA VAL B 229 -12.68 -21.71 -12.91
C VAL B 229 -12.43 -22.81 -11.89
N LEU B 230 -11.69 -22.50 -10.82
CA LEU B 230 -11.53 -23.44 -9.73
C LEU B 230 -12.29 -22.94 -8.51
N PHE B 231 -13.25 -23.73 -8.04
CA PHE B 231 -13.96 -23.41 -6.81
C PHE B 231 -13.22 -24.02 -5.61
N MET B 232 -12.65 -23.15 -4.77
CA MET B 232 -11.97 -23.59 -3.55
C MET B 232 -12.86 -23.41 -2.34
N ASP B 233 -12.84 -24.41 -1.46
CA ASP B 233 -13.61 -24.37 -0.22
C ASP B 233 -12.97 -25.26 0.82
N GLY B 234 -12.79 -24.70 2.01
CA GLY B 234 -12.26 -25.44 3.16
C GLY B 234 -10.92 -26.13 2.95
N GLY B 235 -10.11 -25.58 2.05
CA GLY B 235 -8.76 -26.08 1.82
C GLY B 235 -8.62 -26.99 0.61
N TYR B 236 -9.74 -27.25 -0.06
CA TYR B 236 -9.77 -28.12 -1.24
C TYR B 236 -10.19 -27.35 -2.47
N ILE B 237 -9.80 -27.86 -3.64
CA ILE B 237 -10.49 -27.52 -4.88
C ILE B 237 -11.64 -28.53 -4.99
N ILE B 238 -12.86 -28.06 -4.87
CA ILE B 238 -14.01 -28.94 -4.78
C ILE B 238 -14.64 -29.24 -6.14
N GLU B 239 -14.64 -28.23 -7.01
CA GLU B 239 -15.14 -28.40 -8.36
C GLU B 239 -14.35 -27.46 -9.26
N GLU B 240 -14.19 -27.84 -10.52
CA GLU B 240 -13.52 -27.01 -11.50
C GLU B 240 -14.00 -27.29 -12.92
N GLY B 241 -13.62 -26.43 -13.86
CA GLY B 241 -13.93 -26.62 -15.27
C GLY B 241 -14.24 -25.31 -15.95
N LYS B 242 -14.63 -25.39 -17.23
CA LYS B 242 -15.05 -24.22 -18.00
C LYS B 242 -16.01 -23.35 -17.18
N PRO B 243 -15.89 -22.01 -17.30
CA PRO B 243 -16.78 -21.07 -16.62
C PRO B 243 -18.26 -21.35 -16.86
N GLU B 244 -18.65 -21.51 -18.13
CA GLU B 244 -20.03 -21.83 -18.49
C GLU B 244 -20.50 -23.08 -17.75
N ASP B 245 -19.68 -24.15 -17.80
CA ASP B 245 -19.97 -25.41 -17.13
C ASP B 245 -20.11 -25.24 -15.61
N LEU B 246 -19.20 -24.50 -15.00
CA LEU B 246 -19.15 -24.35 -13.55
C LEU B 246 -20.26 -23.45 -13.00
N PHE B 247 -20.47 -22.31 -13.65
CA PHE B 247 -21.47 -21.34 -13.20
C PHE B 247 -22.91 -21.76 -13.52
N ASP B 248 -23.14 -22.23 -14.74
CA ASP B 248 -24.48 -22.58 -15.21
C ASP B 248 -24.95 -23.94 -14.70
N ARG B 249 -24.05 -24.92 -14.71
CA ARG B 249 -24.39 -26.25 -14.24
C ARG B 249 -23.41 -26.83 -13.21
N PRO B 250 -23.37 -26.20 -12.01
CA PRO B 250 -22.52 -26.72 -10.93
C PRO B 250 -23.02 -28.07 -10.45
N GLN B 251 -22.11 -28.97 -10.07
CA GLN B 251 -22.48 -30.33 -9.68
C GLN B 251 -22.43 -30.57 -8.18
N HIS B 252 -21.56 -29.83 -7.50
CA HIS B 252 -21.33 -30.05 -6.08
C HIS B 252 -22.15 -29.08 -5.24
N GLU B 253 -22.77 -29.61 -4.18
CA GLU B 253 -23.57 -28.84 -3.22
C GLU B 253 -22.89 -27.54 -2.76
N ARG B 254 -21.64 -27.65 -2.36
CA ARG B 254 -20.83 -26.51 -1.90
C ARG B 254 -20.64 -25.45 -2.98
N THR B 255 -20.44 -25.89 -4.22
CA THR B 255 -20.36 -24.95 -5.35
C THR B 255 -21.70 -24.21 -5.53
N LYS B 256 -22.80 -24.96 -5.55
CA LYS B 256 -24.17 -24.42 -5.61
C LYS B 256 -24.46 -23.44 -4.47
N ALA B 257 -24.13 -23.83 -3.24
CA ALA B 257 -24.31 -22.98 -2.07
C ALA B 257 -23.56 -21.65 -2.18
N PHE B 258 -22.32 -21.70 -2.65
CA PHE B 258 -21.49 -20.51 -2.81
C PHE B 258 -22.02 -19.61 -3.91
N LEU B 259 -22.42 -20.20 -5.03
CA LEU B 259 -22.89 -19.44 -6.19
C LEU B 259 -24.29 -18.86 -5.98
N SER B 260 -25.02 -19.38 -5.00
CA SER B 260 -26.36 -18.89 -4.68
C SER B 260 -26.34 -17.57 -3.93
N LYS B 261 -25.14 -17.09 -3.60
CA LYS B 261 -24.98 -15.88 -2.76
C LYS B 261 -23.81 -14.98 -3.15
N VAL B 262 -23.41 -14.98 -4.42
CA VAL B 262 -22.16 -14.30 -4.79
C VAL B 262 -22.14 -13.48 -6.10
N PHE B 263 -21.49 -12.32 -6.00
CA PHE B 263 -21.04 -11.47 -7.13
C PHE B 263 -20.53 -10.13 -6.59
#